data_5OSG
#
_entry.id   5OSG
#
loop_
_entity.id
_entity.type
_entity.pdbx_description
1 polymer 'RNA binding protein, putative'
2 polymer '18S rRNA'
3 polymer '40S ribosomal protein S6'
#
loop_
_entity_poly.entity_id
_entity_poly.type
_entity_poly.pdbx_seq_one_letter_code
_entity_poly.pdbx_strand_id
1 'polypeptide(L)'
;MPAKAAAKPVKPATKAAPKPANKAPAPKAAAAKPVAKAAPKAAAPAVRPASGSSNGVYVKNWGTGSVADATNVFSAAGKV
VKVQLRRQRYALVFFENSAAVKKAIDLFNEKEVLGQTVLVVPAKASPKPDAHENSSCVFVSPIFRPSTTKAQVMELFAGV
KVQRLRMYRQNFAYAYLDSPAAAKKFVEEKNGTAFRGHTLRVALSARSLEKLRARQEVANVVIAAHRHYKVHERQ
;
h
2 'polyribonucleotide'
;GAUCUGGUUGAUUCUGCCAGUAGUCAUAUGCUUGUUUCAAGGACUUAGCCAUGCAUGCCUCAGAAUCACUGCAUUUGCAG
GAAUCUGCGCAUGGCUCAUUACAUCAGACGUAAUCUGCCGCAAAAAUCUUGCGGUUUCCGCAAAAUUGGAUAACUUGGCG
AAACGCCAAGCUAAUACAUGAACCAACCGGGUGUUCUCCACUCCAGACGGUGGGCAACCAUCGUCGUGAGACGCCCAGCG
AAUGAAUGACAGUAAAACCAAUGCCUUCACUGGCAGUAACACCCAGCAGUGUUGACUCAAUUCAUUCCGUGCGAAAGCCG
GCUUGUUCCGGCGUCUUUUGACGAACAACUGCCCUAUCAGCUGGUGAUGGCCGUGUAGUGGACUGCCAUGGCGUUGACGG
GAGCGGGGGAUUAGGGUUCGAUUCCGGAGAGGGAGCCUGAGAAAUAGCUACCACUUCUACGGAGGGCAGCAGGCGCGCAA
AUUGCCCAAUGUCAAAACAAAACGAUGAGGCAGCGAAAAGAAAUAGAGUUGUCAGUCCAUUUGGAUUGUCAUUUCAAUGG
GGGAUAUUUAAACCCAUCCAAUAUCGAGUAACAAUUGGAGGACAAGUCUGGUGCCAGCACCCGCGGUAAUUCCAGCUCCA
AAAGCGUAUAUUAAUGCUGUUGCUGUUAAAGGGUUCGUAGUUGAACUGUGGGCUGUGCAGGUUUGUUCCUGGUCGUCCCG
UCCAUGUCGGAUUUGGUGACCCAGGCCCUUGCAGCCCGUGAACAUUCAAAGAAACAAGAAACACGGGAGUGGUUCCUUUC
CUGAUUUACGCAUGUCAUGCAUGCCAGGGGGCGUCCGUGAUUUUUUACUGUGACUAAAGAAGCGUGACUAAAGCAGUCAU
UUGACUUGAAUUAGAAAGCAUGGGAUAACAAAGGAGCAGCCUCUAGGCUACCGUUUCGGCUUUUGUUGGUUUUAAAGGUC
UAUUGGAGAUUAUGGAGCUGUGCGACAAGUGCUUUCCCAUCGCAACCUCGGUUCGGUGUGUGGCGCCUUUGAGGGGUUUA
GUGCGUCCGGUACGAGCUCCGGUUCGUCCGGCCGUAACGCCUUUUCAACUCACGGCCUCUAGGAAUGAAGGAGGGUAGUU
CGGGGGAGAACGUACUGGGGCGUCAGAGGUGAAAUUCUUAGACCGCACCAAGACGAACUACAGCGAAGGCAUUCUUCAAG
GAUACCUUCCUCAAUCAAGAACCAAAGUGUGGAGAUCGAAGAUGAUUAGAGACCAUUGUAGUCCACACUGCCAAACGAUG
ACACCCAUGAAUUGGGGAUCUUAUGGGCCGGCCUGCGGCAGGGUUUACCCUGUGUCCAGCACCGCGCCCGCUUUUACCAA
CUUACGUAUCUUUUCUAUUCGGCCUUUACCGGCCACCCACGGGAAUAUCCUCAGCACGUUUUCUGUUUUUUCACGCGAAA
GCUUUGAGGUUACAGUCUCAGGGGGGAGUACGUUCGCAAGAGUGAAACUUAAAGAAAUUGACGGAAUGGCACCACAAGAC
GUGGAGCGUGCGGUUUAAUUUGACUCAACACGGGGAACUUUACCAGAUCCGGACAGGAUGAGGAUUGACAGAUUGAGUGU
UCUUUCUCGAUUCCCUGAAUGGUGGUGCAUGGCCGCUUUUGGUCGGUGGAGUGAUUUGUUUGGUUGAUUCCGUCAACGGA
CGAGAUCCAAGCUGCCCAGUAGAAUUCAGAAUUGCCCAUAGGAUAGCAAACUCAUCGGCGGGUUUUACCCAACGGUGGGC
CGCAUUCGGUCGAAUUCUUCUCUGCGGGAUUCCUUUGUAAUUGCACAAGGUGAAAUUUUGGGCAACAGCAGGUCUGUGAU
GCUCCUCAAUGUUCUGGGCGACACGCGCACUACAAUGUCAGUGAGAACAAGAAAAACGACUUUUGUCGAACCUACUUGAU
CAAAAGAGUGGGGAAACCCCGGAAUCACAUAGACUCACUUGGGACCGAGGAUUGCAAUUAUUGGUCGCGCAACGAGGAAU
GUCUCGUAGGCGCAGCUCAUCAAACUGUGCCGAUUACGUCCCUGCCAUUUGUACACACCGCCCGUCGUUGUUUCCGAUGA
UGGUGCAAUACAGGUGAUCGGACAGGCGGUGUUUUAUCCGCCCGAAAGUUCACCGAUAUUUCUUCAAUAGAGGAAGCAAA
AGUCGUAACAAGGUAGCUGUAGGUGAACCUGCAGCUGGAUCAUUU
;
2
3 'polypeptide(L)'
;MKLNIAYPRNGTVKQFEISDEVLRRVQLQDYRLGNEVDGAIFGSEFKGYIFRLRGGSDKDGFPMVPGVLASSRVSLLVKR
GAIGFNTFRGYQGERRRKNVRGCVLASDIALVNVTISKVGDQPIEGVTDTTAPRRLGPKRASKIRKLFNLSRTEDVRKYV
VRRRVVKSGKKDRLKAPKIQRLITPRVKARRAKKAKDAIAKVRASAAERREYLRLIASNRRALRQRDHSKKHTRKVHAQR
AEVAAFQKK
;
P
#
loop_
_chem_comp.id
_chem_comp.type
_chem_comp.name
_chem_comp.formula
A RNA linking ADENOSINE-5'-MONOPHOSPHATE 'C10 H14 N5 O7 P'
C RNA linking CYTIDINE-5'-MONOPHOSPHATE 'C9 H14 N3 O8 P'
G RNA linking GUANOSINE-5'-MONOPHOSPHATE 'C10 H14 N5 O8 P'
U RNA linking URIDINE-5'-MONOPHOSPHATE 'C9 H13 N2 O9 P'
#
# COMPACT_ATOMS: atom_id res chain seq x y z
N ASN A 55 -10.69 -7.85 -12.03
CA ASN A 55 -11.63 -9.01 -12.15
C ASN A 55 -10.86 -10.26 -12.39
N GLY A 56 -10.05 -10.30 -13.48
CA GLY A 56 -8.88 -11.13 -13.54
C GLY A 56 -7.73 -10.27 -13.93
N VAL A 57 -6.74 -10.89 -14.62
CA VAL A 57 -5.35 -10.65 -14.36
C VAL A 57 -4.84 -9.70 -15.41
N TYR A 58 -4.34 -8.54 -14.95
CA TYR A 58 -3.68 -7.55 -15.77
C TYR A 58 -2.23 -7.90 -15.62
N VAL A 59 -1.59 -8.39 -16.72
CA VAL A 59 -0.26 -8.92 -16.66
C VAL A 59 0.56 -7.92 -17.44
N LYS A 60 1.70 -7.52 -16.82
CA LYS A 60 2.59 -6.54 -17.38
C LYS A 60 3.97 -7.06 -17.14
N ASN A 61 4.64 -7.50 -18.23
CA ASN A 61 6.07 -7.58 -18.41
C ASN A 61 6.21 -8.64 -19.47
N TRP A 62 7.19 -8.41 -20.37
CA TRP A 62 8.06 -9.46 -20.80
C TRP A 62 9.43 -8.80 -20.82
N GLY A 63 10.23 -8.68 -21.93
CA GLY A 63 9.94 -8.27 -23.28
C GLY A 63 9.28 -6.92 -23.38
N THR A 64 9.10 -6.48 -24.65
CA THR A 64 8.79 -5.11 -24.99
C THR A 64 7.89 -5.17 -26.20
N GLY A 65 8.37 -5.50 -27.43
CA GLY A 65 9.31 -6.55 -27.76
C GLY A 65 8.68 -7.91 -27.76
N SER A 66 7.35 -7.97 -27.58
CA SER A 66 6.64 -9.17 -27.21
C SER A 66 6.14 -9.82 -28.46
N VAL A 67 5.83 -11.14 -28.38
CA VAL A 67 4.69 -11.71 -29.04
C VAL A 67 3.62 -12.02 -28.03
N ALA A 68 3.06 -10.96 -27.40
CA ALA A 68 2.02 -11.02 -26.41
C ALA A 68 0.78 -11.69 -26.94
N ASP A 69 0.35 -11.29 -28.16
CA ASP A 69 -0.80 -11.82 -28.85
C ASP A 69 -0.72 -13.31 -29.08
N ALA A 70 0.44 -13.81 -29.60
CA ALA A 70 0.66 -15.22 -29.86
C ALA A 70 0.53 -16.08 -28.64
N THR A 71 1.18 -15.65 -27.53
CA THR A 71 1.15 -16.30 -26.23
C THR A 71 -0.25 -16.42 -25.71
N ASN A 72 -1.02 -15.29 -25.76
CA ASN A 72 -2.40 -15.23 -25.33
C ASN A 72 -3.30 -16.18 -26.07
N VAL A 73 -3.20 -16.23 -27.43
CA VAL A 73 -3.97 -17.12 -28.27
C VAL A 73 -3.74 -18.56 -27.89
N PHE A 74 -2.45 -18.97 -27.71
CA PHE A 74 -2.09 -20.31 -27.28
C PHE A 74 -2.68 -20.69 -25.93
N SER A 75 -2.55 -19.77 -24.93
CA SER A 75 -3.04 -19.88 -23.57
C SER A 75 -4.49 -20.27 -23.39
N ALA A 76 -5.34 -20.10 -24.44
CA ALA A 76 -6.73 -20.44 -24.39
C ALA A 76 -6.89 -21.89 -24.74
N ALA A 77 -7.82 -22.58 -24.01
CA ALA A 77 -7.46 -23.56 -23.01
C ALA A 77 -7.85 -23.01 -21.67
N GLY A 78 -8.22 -23.93 -20.74
CA GLY A 78 -8.38 -23.60 -19.34
C GLY A 78 -7.08 -23.23 -18.66
N LYS A 79 -7.06 -22.06 -17.99
CA LYS A 79 -7.89 -21.83 -16.83
C LYS A 79 -7.95 -20.34 -16.53
N VAL A 80 -7.28 -19.47 -17.35
CA VAL A 80 -7.67 -18.93 -18.65
C VAL A 80 -9.09 -19.28 -19.13
N VAL A 81 -9.92 -18.26 -19.45
CA VAL A 81 -10.41 -18.11 -20.80
C VAL A 81 -9.94 -16.82 -21.41
N LYS A 82 -10.49 -15.66 -20.98
CA LYS A 82 -10.79 -14.64 -21.96
C LYS A 82 -9.63 -13.71 -22.11
N VAL A 83 -9.08 -13.65 -23.34
CA VAL A 83 -7.87 -12.95 -23.67
C VAL A 83 -8.24 -11.62 -24.27
N GLN A 84 -7.38 -10.60 -24.09
CA GLN A 84 -6.74 -10.05 -25.26
C GLN A 84 -5.52 -9.31 -24.78
N LEU A 85 -4.52 -9.09 -25.68
CA LEU A 85 -3.34 -8.34 -25.35
C LEU A 85 -3.71 -6.89 -25.18
N ARG A 86 -3.45 -6.33 -23.98
CA ARG A 86 -3.85 -4.99 -23.66
C ARG A 86 -3.04 -4.61 -22.45
N ARG A 87 -2.78 -3.30 -22.18
CA ARG A 87 -3.17 -2.14 -22.94
C ARG A 87 -1.93 -1.31 -22.92
N GLN A 88 -1.53 -0.86 -21.70
CA GLN A 88 -0.30 -0.17 -21.44
C GLN A 88 0.81 -1.19 -21.54
N ARG A 89 0.63 -2.31 -20.81
CA ARG A 89 1.52 -3.45 -20.82
C ARG A 89 0.65 -4.60 -20.42
N TYR A 90 0.95 -5.85 -20.90
CA TYR A 90 0.99 -6.20 -22.30
C TYR A 90 -0.06 -7.28 -22.50
N ALA A 91 -0.64 -7.83 -21.41
CA ALA A 91 -1.62 -8.89 -21.44
C ALA A 91 -2.69 -8.53 -20.44
N LEU A 92 -3.98 -8.62 -20.87
CA LEU A 92 -4.94 -9.09 -19.88
C LEU A 92 -5.66 -10.32 -20.30
N VAL A 93 -5.78 -11.25 -19.33
CA VAL A 93 -6.35 -12.56 -19.53
C VAL A 93 -7.19 -12.78 -18.31
N PHE A 94 -8.42 -13.32 -18.49
CA PHE A 94 -9.41 -13.54 -17.44
C PHE A 94 -9.82 -15.00 -17.49
N PHE A 95 -9.20 -15.97 -16.75
CA PHE A 95 -8.20 -15.96 -15.69
C PHE A 95 -8.82 -15.36 -14.44
N GLU A 96 -10.01 -15.89 -14.11
CA GLU A 96 -10.87 -15.58 -12.99
C GLU A 96 -10.19 -15.85 -11.65
N ASN A 97 -10.74 -15.45 -10.46
CA ASN A 97 -12.01 -14.80 -10.21
C ASN A 97 -11.89 -13.85 -9.05
N SER A 98 -10.76 -13.88 -8.30
CA SER A 98 -10.60 -13.09 -7.10
C SER A 98 -9.92 -11.78 -7.38
N ALA A 99 -9.52 -11.55 -8.65
CA ALA A 99 -8.90 -10.34 -9.16
C ALA A 99 -7.51 -10.12 -8.65
N ALA A 100 -6.55 -10.04 -9.61
CA ALA A 100 -5.14 -9.70 -9.46
C ALA A 100 -4.14 -10.78 -9.83
N VAL A 101 -4.25 -12.09 -9.51
CA VAL A 101 -5.24 -12.85 -8.78
C VAL A 101 -4.42 -13.83 -7.96
N LYS A 102 -5.07 -14.60 -7.05
CA LYS A 102 -4.52 -15.61 -6.17
C LYS A 102 -3.69 -16.60 -6.95
N LYS A 103 -4.29 -17.11 -8.06
CA LYS A 103 -3.81 -18.05 -9.04
C LYS A 103 -2.55 -17.55 -9.72
N ALA A 104 -2.50 -16.23 -10.04
CA ALA A 104 -1.48 -15.55 -10.81
C ALA A 104 -0.06 -15.75 -10.33
N ILE A 105 0.24 -15.86 -9.00
CA ILE A 105 1.49 -16.40 -8.49
C ILE A 105 2.18 -17.47 -9.35
N ASP A 106 1.40 -18.48 -9.83
CA ASP A 106 1.80 -19.54 -10.75
C ASP A 106 2.32 -19.03 -12.07
N LEU A 107 1.61 -18.04 -12.66
CA LEU A 107 1.82 -17.37 -13.94
C LEU A 107 3.18 -16.74 -14.12
N PHE A 108 3.97 -16.61 -13.02
CA PHE A 108 5.39 -16.28 -12.95
C PHE A 108 6.14 -17.30 -13.79
N ASN A 109 6.96 -18.21 -13.21
CA ASN A 109 7.38 -19.37 -13.98
C ASN A 109 6.20 -20.26 -14.32
N GLU A 110 5.72 -20.22 -15.59
CA GLU A 110 4.75 -21.16 -16.10
C GLU A 110 4.81 -21.15 -17.61
N LYS A 111 5.55 -20.20 -18.22
CA LYS A 111 5.04 -19.05 -18.93
C LYS A 111 5.75 -17.88 -18.30
N GLU A 112 7.06 -17.63 -18.55
CA GLU A 112 7.85 -17.96 -19.71
C GLU A 112 8.04 -19.43 -19.96
N VAL A 113 7.66 -19.88 -21.17
CA VAL A 113 8.45 -19.63 -22.36
C VAL A 113 7.49 -18.86 -23.24
N LEU A 114 7.76 -17.61 -23.70
CA LEU A 114 8.92 -16.75 -23.55
C LEU A 114 8.43 -15.56 -22.76
N GLY A 115 9.31 -14.72 -22.14
CA GLY A 115 10.75 -14.82 -22.16
C GLY A 115 11.38 -14.00 -21.08
N GLN A 116 10.75 -13.84 -19.89
CA GLN A 116 11.36 -13.08 -18.82
C GLN A 116 11.00 -13.73 -17.50
N THR A 117 9.89 -13.47 -16.76
CA THR A 117 8.79 -12.54 -16.90
C THR A 117 8.19 -12.47 -15.52
N VAL A 118 7.65 -11.28 -15.17
CA VAL A 118 6.23 -11.03 -14.99
C VAL A 118 6.15 -10.10 -13.81
N LEU A 119 5.30 -9.04 -13.91
CA LEU A 119 4.50 -8.62 -12.80
C LEU A 119 3.08 -8.92 -13.18
N VAL A 120 2.18 -8.93 -12.18
CA VAL A 120 0.76 -8.78 -12.44
C VAL A 120 0.30 -7.74 -11.47
N VAL A 121 -0.91 -7.19 -11.73
CA VAL A 121 -1.55 -6.20 -10.88
C VAL A 121 -3.04 -6.30 -11.15
N PRO A 122 -3.84 -5.50 -10.44
CA PRO A 122 -5.23 -5.28 -10.82
C PRO A 122 -5.44 -3.79 -11.05
N ALA A 123 -4.51 -2.94 -10.56
CA ALA A 123 -4.56 -1.49 -10.48
C ALA A 123 -3.54 -1.21 -9.42
N LYS A 124 -2.74 -0.10 -9.46
CA LYS A 124 -3.13 1.25 -9.84
C LYS A 124 -2.71 1.72 -11.22
N ALA A 125 -1.83 1.05 -12.03
CA ALA A 125 -0.65 0.33 -11.65
C ALA A 125 0.49 0.89 -12.43
N SER A 126 0.83 2.17 -12.14
CA SER A 126 2.19 2.61 -12.14
C SER A 126 2.90 2.00 -10.95
N PRO A 127 4.19 1.64 -11.00
CA PRO A 127 4.94 1.17 -9.85
C PRO A 127 5.34 2.30 -8.93
N LYS A 128 5.41 3.55 -9.44
CA LYS A 128 5.89 4.71 -8.70
C LYS A 128 5.13 5.02 -7.42
N PRO A 129 3.80 5.17 -7.31
CA PRO A 129 3.12 5.63 -6.10
C PRO A 129 3.36 4.72 -4.94
N ASP A 130 3.02 3.41 -5.05
CA ASP A 130 2.99 2.53 -3.91
C ASP A 130 4.39 2.23 -3.44
N ALA A 131 5.34 1.97 -4.37
CA ALA A 131 6.68 1.59 -3.95
C ALA A 131 7.68 2.72 -3.92
N HIS A 132 7.97 3.36 -5.07
CA HIS A 132 9.12 4.25 -5.17
C HIS A 132 9.05 5.59 -4.47
N GLU A 133 7.92 6.32 -4.57
CA GLU A 133 7.70 7.64 -4.03
C GLU A 133 6.41 8.11 -4.66
N ASN A 134 5.49 8.88 -4.03
CA ASN A 134 5.03 9.00 -2.66
C ASN A 134 5.79 10.04 -1.90
N SER A 135 5.33 10.34 -0.65
CA SER A 135 5.53 11.61 -0.02
C SER A 135 6.79 11.62 0.81
N SER A 136 7.61 10.54 0.65
CA SER A 136 8.85 10.32 1.35
C SER A 136 8.62 10.13 2.81
N CYS A 137 7.64 9.28 3.14
CA CYS A 137 7.37 8.81 4.47
C CYS A 137 8.32 7.67 4.74
N VAL A 138 8.64 7.46 6.03
CA VAL A 138 9.51 6.44 6.53
C VAL A 138 8.76 5.82 7.68
N PHE A 139 9.12 4.57 8.07
CA PHE A 139 8.83 4.07 9.39
C PHE A 139 10.14 3.67 10.00
N VAL A 140 10.28 3.88 11.34
CA VAL A 140 11.42 3.48 12.11
C VAL A 140 10.95 2.35 12.99
N SER A 141 11.77 1.28 13.05
CA SER A 141 11.54 0.12 13.87
C SER A 141 12.88 -0.31 14.39
N PRO A 142 12.89 -1.22 15.35
CA PRO A 142 12.23 -1.11 16.65
C PRO A 142 12.47 0.16 17.42
N ILE A 143 11.43 0.59 18.15
CA ILE A 143 11.45 1.63 19.16
C ILE A 143 10.49 1.07 20.17
N PHE A 144 10.41 1.61 21.41
CA PHE A 144 9.51 1.08 22.41
C PHE A 144 9.02 2.26 23.17
N ARG A 145 7.70 2.30 23.46
CA ARG A 145 7.05 3.42 24.12
C ARG A 145 7.54 3.76 25.51
N PRO A 146 7.77 2.88 26.49
CA PRO A 146 8.17 3.31 27.82
C PRO A 146 9.67 3.31 27.93
N SER A 147 10.40 3.10 26.82
CA SER A 147 11.84 3.11 26.81
C SER A 147 12.30 4.27 25.97
N THR A 148 11.36 5.15 25.56
CA THR A 148 11.67 6.34 24.79
C THR A 148 10.80 7.44 25.32
N THR A 149 11.12 8.68 24.88
CA THR A 149 10.39 9.89 25.18
C THR A 149 10.08 10.39 23.79
N LYS A 150 9.07 11.27 23.65
CA LYS A 150 8.64 11.80 22.37
C LYS A 150 9.67 12.73 21.79
N ALA A 151 10.53 13.33 22.64
CA ALA A 151 11.57 14.25 22.21
C ALA A 151 12.84 13.52 21.83
N GLN A 152 13.05 12.30 22.38
CA GLN A 152 14.23 11.48 22.17
C GLN A 152 14.40 11.01 20.75
N VAL A 153 13.43 10.25 20.20
CA VAL A 153 13.61 9.60 18.91
C VAL A 153 13.31 10.57 17.79
N MET A 154 12.43 11.56 18.04
CA MET A 154 12.07 12.62 17.14
C MET A 154 13.24 13.30 16.46
N GLU A 155 13.97 14.17 17.19
CA GLU A 155 15.06 14.93 16.64
C GLU A 155 16.27 14.11 16.25
N LEU A 156 16.50 12.93 16.91
CA LEU A 156 17.57 12.01 16.53
C LEU A 156 17.43 11.42 15.14
N PHE A 157 16.22 11.51 14.54
CA PHE A 157 15.94 11.01 13.22
C PHE A 157 15.45 12.19 12.44
N ALA A 158 16.38 13.15 12.24
CA ALA A 158 16.32 14.39 11.50
C ALA A 158 16.05 15.57 12.42
N GLY A 159 14.82 15.93 12.88
CA GLY A 159 13.54 15.35 12.60
C GLY A 159 12.49 16.06 13.40
N VAL A 160 11.18 15.85 13.07
CA VAL A 160 10.66 15.02 12.02
C VAL A 160 10.05 15.94 10.99
N LYS A 161 8.87 16.61 11.13
CA LYS A 161 7.67 16.37 11.90
C LYS A 161 6.70 15.96 10.82
N VAL A 162 5.86 14.91 10.98
CA VAL A 162 5.08 14.56 12.16
C VAL A 162 5.59 13.23 12.70
N GLN A 163 5.62 13.03 14.04
CA GLN A 163 6.24 11.87 14.65
C GLN A 163 5.35 11.21 15.65
N ARG A 164 4.64 10.13 15.19
CA ARG A 164 3.69 9.40 15.98
C ARG A 164 4.14 7.98 15.90
N LEU A 165 4.73 7.49 17.04
CA LEU A 165 4.80 6.11 17.43
C LEU A 165 3.49 5.39 17.67
N ARG A 166 3.50 4.08 17.32
CA ARG A 166 2.42 3.12 17.41
C ARG A 166 2.88 2.09 18.42
N MET A 167 2.04 1.14 18.92
CA MET A 167 0.64 0.87 18.66
C MET A 167 -0.17 0.63 19.93
N TYR A 168 0.30 0.05 21.07
CA TYR A 168 1.57 -0.55 21.40
C TYR A 168 1.69 -1.88 20.73
N ARG A 169 2.71 -1.95 19.86
CA ARG A 169 3.16 -3.01 19.01
C ARG A 169 3.86 -2.25 17.89
N GLN A 170 4.91 -1.44 18.15
CA GLN A 170 5.64 -1.17 19.36
C GLN A 170 6.61 -0.02 19.19
N ASN A 171 7.46 0.15 18.12
CA ASN A 171 7.75 -0.52 16.87
C ASN A 171 6.78 -0.01 15.84
N PHE A 172 7.20 0.06 14.56
CA PHE A 172 6.41 0.52 13.44
C PHE A 172 5.87 1.89 13.73
N ALA A 173 6.77 2.89 13.76
CA ALA A 173 6.40 4.21 14.17
C ALA A 173 6.72 5.02 12.98
N TYR A 174 5.68 5.72 12.50
CA TYR A 174 5.76 6.62 11.39
C TYR A 174 6.62 7.81 11.69
N ALA A 175 7.55 8.03 10.75
CA ALA A 175 8.40 9.16 10.63
C ALA A 175 7.91 9.76 9.34
N TYR A 176 7.12 10.83 9.46
CA TYR A 176 6.22 11.38 8.49
C TYR A 176 6.92 12.53 7.79
N LEU A 177 8.11 12.26 7.19
CA LEU A 177 9.47 12.55 7.59
C LEU A 177 9.86 13.88 6.96
N ASP A 178 11.15 14.01 6.59
CA ASP A 178 11.76 15.04 5.79
C ASP A 178 13.24 14.82 5.98
N SER A 179 14.01 14.84 4.86
CA SER A 179 15.35 14.31 4.70
C SER A 179 15.69 14.17 3.22
N PRO A 180 14.90 13.85 2.18
CA PRO A 180 13.48 13.52 2.16
C PRO A 180 13.23 12.17 2.78
N ALA A 181 13.90 11.10 2.29
CA ALA A 181 13.79 9.77 2.85
C ALA A 181 14.68 8.85 2.08
N ALA A 182 15.34 9.33 1.00
CA ALA A 182 16.03 8.49 0.04
C ALA A 182 17.17 7.73 0.65
N ALA A 183 18.12 8.48 1.25
CA ALA A 183 19.39 7.96 1.71
C ALA A 183 19.28 7.62 3.17
N LYS A 184 18.28 8.20 3.87
CA LYS A 184 17.96 7.95 5.25
C LYS A 184 17.69 6.49 5.55
N LYS A 185 16.91 5.82 4.68
CA LYS A 185 16.68 4.39 4.71
C LYS A 185 17.94 3.58 4.65
N PHE A 186 18.86 3.94 3.71
CA PHE A 186 20.07 3.19 3.44
C PHE A 186 21.06 3.23 4.60
N VAL A 187 20.98 4.29 5.44
CA VAL A 187 21.96 4.58 6.46
C VAL A 187 21.43 4.11 7.78
N GLU A 188 20.14 4.30 8.09
CA GLU A 188 19.60 3.81 9.34
C GLU A 188 19.10 2.38 9.28
N GLU A 189 19.07 1.70 8.10
CA GLU A 189 18.74 0.29 8.07
C GLU A 189 19.93 -0.55 8.39
N LYS A 190 20.94 -0.59 7.46
CA LYS A 190 22.37 -0.76 7.65
C LYS A 190 22.89 -2.06 8.24
N ASN A 191 22.04 -2.83 8.97
CA ASN A 191 22.37 -3.90 9.89
C ASN A 191 22.99 -3.23 11.10
N GLY A 192 22.33 -2.14 11.54
CA GLY A 192 22.85 -1.19 12.48
C GLY A 192 22.16 0.10 12.15
N THR A 193 22.76 1.27 12.48
CA THR A 193 23.45 1.54 13.72
C THR A 193 22.47 1.36 14.86
N ALA A 194 22.95 0.83 16.01
CA ALA A 194 22.07 0.21 16.98
C ALA A 194 21.47 1.29 17.83
N PHE A 195 20.12 1.42 17.74
CA PHE A 195 19.37 2.34 18.54
C PHE A 195 18.17 1.55 18.99
N ARG A 196 17.93 1.33 20.33
CA ARG A 196 18.71 1.78 21.46
C ARG A 196 19.62 0.67 21.89
N GLY A 197 19.51 -0.51 21.21
CA GLY A 197 20.32 -1.66 21.49
C GLY A 197 19.97 -2.71 20.49
N HIS A 198 18.84 -2.52 19.78
CA HIS A 198 18.35 -3.41 18.75
C HIS A 198 18.99 -3.02 17.46
N THR A 199 18.82 -3.88 16.42
CA THR A 199 19.46 -3.77 15.12
C THR A 199 19.12 -2.48 14.43
N LEU A 200 17.83 -2.07 14.50
CA LEU A 200 17.29 -0.86 13.91
C LEU A 200 17.14 -1.07 12.43
N ARG A 201 15.88 -1.19 11.97
CA ARG A 201 15.56 -1.40 10.58
C ARG A 201 14.64 -0.27 10.22
N VAL A 202 14.98 0.44 9.12
CA VAL A 202 14.27 1.63 8.72
C VAL A 202 14.07 1.48 7.25
N ALA A 203 12.80 1.65 6.80
CA ALA A 203 12.47 1.51 5.40
C ALA A 203 11.25 2.36 5.15
N LEU A 204 10.67 2.19 3.94
CA LEU A 204 9.89 3.18 3.25
C LEU A 204 8.42 3.03 3.57
N SER A 205 7.67 4.14 3.39
CA SER A 205 6.25 4.12 3.23
C SER A 205 6.01 5.18 2.18
N ALA A 206 4.90 5.22 1.37
CA ALA A 206 3.76 4.36 1.15
C ALA A 206 2.64 4.68 2.09
N ARG A 207 2.63 5.95 2.57
CA ARG A 207 1.68 6.50 3.51
C ARG A 207 1.71 7.97 3.21
N SER A 208 0.60 8.68 3.54
CA SER A 208 0.63 10.04 4.07
C SER A 208 0.87 11.02 2.91
N LEU A 209 1.02 12.37 3.05
CA LEU A 209 1.34 13.22 4.19
C LEU A 209 0.11 14.02 4.46
N GLU A 210 -0.04 15.17 3.75
CA GLU A 210 -1.25 15.88 3.40
C GLU A 210 -2.55 15.11 3.29
N LYS A 211 -2.49 13.78 2.98
CA LYS A 211 -3.62 12.88 2.93
C LYS A 211 -4.29 12.84 4.29
N LEU A 212 -3.59 12.29 5.30
CA LEU A 212 -3.93 12.30 6.71
C LEU A 212 -4.39 13.64 7.25
N ARG A 213 -3.74 14.77 6.81
CA ARG A 213 -4.08 16.13 7.18
C ARG A 213 -5.46 16.54 6.70
N ALA A 214 -5.82 16.12 5.47
CA ALA A 214 -7.11 16.38 4.86
C ALA A 214 -8.18 15.62 5.60
N ARG A 215 -7.90 14.34 5.92
CA ARG A 215 -8.78 13.48 6.69
C ARG A 215 -9.03 13.99 8.09
N GLN A 216 -8.02 14.67 8.70
CA GLN A 216 -8.16 15.37 9.96
C GLN A 216 -9.08 16.56 9.85
N GLU A 217 -9.09 17.26 8.69
CA GLU A 217 -9.90 18.45 8.52
C GLU A 217 -11.36 18.09 8.47
N VAL A 218 -11.76 17.15 7.57
CA VAL A 218 -13.11 16.63 7.52
C VAL A 218 -13.54 15.99 8.84
N ALA A 219 -12.60 15.29 9.55
CA ALA A 219 -12.84 14.74 10.87
C ALA A 219 -13.16 15.79 11.89
N ASN A 220 -12.47 16.96 11.83
CA ASN A 220 -12.59 18.03 12.79
C ASN A 220 -13.96 18.66 12.71
N VAL A 221 -14.42 19.04 11.49
CA VAL A 221 -15.75 19.59 11.30
C VAL A 221 -16.86 18.62 11.67
N VAL A 222 -16.69 17.29 11.41
CA VAL A 222 -17.61 16.26 11.88
C VAL A 222 -17.72 16.17 13.40
N ILE A 223 -16.62 16.44 14.14
CA ILE A 223 -16.57 16.36 15.59
C ILE A 223 -17.29 17.57 16.15
N ALA A 224 -17.00 18.79 15.64
CA ALA A 224 -17.65 19.99 16.09
C ALA A 224 -19.14 20.01 15.81
N ALA A 225 -19.53 19.45 14.65
CA ALA A 225 -20.90 19.26 14.23
C ALA A 225 -21.69 18.23 14.98
N HIS A 226 -21.04 17.27 15.68
CA HIS A 226 -21.72 16.28 16.48
C HIS A 226 -21.11 16.29 17.87
N ARG A 227 -21.76 16.87 18.92
CA ARG A 227 -23.14 17.27 19.11
C ARG A 227 -24.13 16.14 18.79
N ALA C 217 -6.98 -17.98 7.67
CA ALA C 217 -6.68 -16.62 8.22
C ALA C 217 -6.90 -15.55 7.19
N SER C 218 -6.54 -15.82 5.91
CA SER C 218 -6.78 -14.94 4.79
C SER C 218 -8.26 -14.77 4.52
N ASN C 219 -9.05 -15.84 4.77
CA ASN C 219 -10.48 -15.84 4.62
C ASN C 219 -11.14 -15.06 5.71
N ARG C 220 -10.52 -15.02 6.91
CA ARG C 220 -11.03 -14.35 8.07
C ARG C 220 -10.77 -12.87 8.00
N ARG C 221 -9.64 -12.44 7.38
CA ARG C 221 -9.39 -11.04 7.11
C ARG C 221 -10.30 -10.54 6.03
N ALA C 222 -10.55 -11.35 4.96
CA ALA C 222 -11.42 -10.99 3.86
C ALA C 222 -12.83 -10.66 4.29
N LEU C 223 -13.33 -11.35 5.34
CA LEU C 223 -14.61 -11.11 5.96
C LEU C 223 -14.60 -9.95 6.93
N ARG C 224 -13.44 -9.67 7.58
CA ARG C 224 -13.25 -8.51 8.44
C ARG C 224 -13.34 -7.27 7.61
N GLN C 225 -12.52 -7.20 6.52
CA GLN C 225 -12.47 -6.15 5.55
C GLN C 225 -13.84 -5.87 5.00
N ARG C 226 -14.54 -6.91 4.48
CA ARG C 226 -15.84 -6.83 3.89
C ARG C 226 -16.89 -6.28 4.82
N ASP C 227 -17.08 -6.93 5.99
CA ASP C 227 -18.10 -6.55 6.95
C ASP C 227 -17.95 -5.14 7.46
N HIS C 228 -16.71 -4.58 7.46
CA HIS C 228 -16.47 -3.23 7.93
C HIS C 228 -16.27 -2.27 6.78
N SER C 229 -16.30 -2.74 5.50
CA SER C 229 -16.36 -1.83 4.37
C SER C 229 -17.78 -1.38 4.19
N LYS C 230 -18.74 -2.25 4.60
CA LYS C 230 -20.15 -2.05 4.37
C LYS C 230 -20.72 -1.28 5.53
N LYS C 231 -19.96 -1.17 6.65
CA LYS C 231 -20.21 -0.24 7.71
C LYS C 231 -19.74 1.14 7.34
N HIS C 232 -18.76 1.26 6.41
CA HIS C 232 -18.31 2.55 5.96
C HIS C 232 -19.26 3.07 4.92
N THR C 233 -19.60 2.23 3.91
CA THR C 233 -20.38 2.66 2.76
C THR C 233 -21.86 2.75 3.07
N ARG C 234 -22.29 2.34 4.30
CA ARG C 234 -23.61 2.63 4.80
C ARG C 234 -23.46 3.47 6.04
N LYS C 235 -23.33 2.84 7.22
CA LYS C 235 -23.48 3.41 8.55
C LYS C 235 -22.73 4.69 8.84
N VAL C 236 -21.50 4.86 8.29
CA VAL C 236 -20.75 6.10 8.37
C VAL C 236 -21.42 7.17 7.55
N HIS C 237 -21.62 6.94 6.24
CA HIS C 237 -21.92 7.95 5.25
C HIS C 237 -23.26 8.60 5.53
N ALA C 238 -24.33 7.79 5.65
CA ALA C 238 -25.67 8.27 5.90
C ALA C 238 -25.77 9.10 7.16
N GLN C 239 -25.01 8.73 8.22
CA GLN C 239 -24.87 9.53 9.43
C GLN C 239 -24.18 10.86 9.19
N ARG C 240 -23.05 10.87 8.45
CA ARG C 240 -22.31 12.05 8.05
C ARG C 240 -23.17 13.06 7.34
N ALA C 241 -24.09 12.62 6.45
CA ALA C 241 -25.02 13.47 5.74
C ALA C 241 -25.90 14.29 6.67
N GLU C 242 -26.35 13.68 7.78
CA GLU C 242 -27.20 14.26 8.80
C GLU C 242 -26.47 15.37 9.51
N VAL C 243 -25.27 15.02 10.04
CA VAL C 243 -24.42 15.87 10.84
C VAL C 243 -23.85 17.03 10.05
N ALA C 244 -23.60 16.84 8.74
CA ALA C 244 -23.16 17.85 7.80
C ALA C 244 -24.25 18.82 7.39
N ALA C 245 -25.52 18.48 7.68
CA ALA C 245 -26.65 19.38 7.53
C ALA C 245 -26.64 20.46 8.57
N PHE C 246 -26.29 20.12 9.83
CA PHE C 246 -26.41 20.99 10.98
C PHE C 246 -25.49 22.19 10.93
N GLN C 247 -24.37 22.09 10.18
CA GLN C 247 -23.40 23.15 10.01
C GLN C 247 -23.96 24.31 9.23
N LYS C 248 -24.73 24.02 8.16
CA LYS C 248 -25.36 25.01 7.30
C LYS C 248 -26.65 25.47 7.91
N LYS C 249 -27.38 24.55 8.60
CA LYS C 249 -28.65 24.80 9.23
C LYS C 249 -28.54 25.83 10.37
#